data_9QC4
#
_entry.id   9QC4
#
_cell.length_a   83.983
_cell.length_b   83.983
_cell.length_c   147.324
_cell.angle_alpha   90.000
_cell.angle_beta   90.000
_cell.angle_gamma   90.000
#
_symmetry.space_group_name_H-M   'P 41 21 2'
#
loop_
_entity.id
_entity.type
_entity.pdbx_description
1 polymer 'Lysine--tRNA ligase 1'
2 non-polymer LYSINE
3 non-polymer 6-azanyl-1-[2-(azetidin-3-yl)ethyl]-2-cycloheptyl-4-ethoxy-pyrazolo[3,4-d]pyrimidin-3-one
4 water water
#
_entity_poly.entity_id   1
_entity_poly.type   'polypeptide(L)'
_entity_poly.pdbx_seq_one_letter_code
;MGSSHHHHHHSSGENLYFQGHMSAADTAEDLPEQFRIRRDKRARLLAQGRDPYPVAVPRTHTLAEVRAAHPDLPIDTATE
DIVGVAGRVIFARNSGKLCFATLQDGDGTQLQVMISLDKVGQAALDAWKADVDLGDIVYVHGAVISSRRGELSVLADCWR
IAAKSLRPLPVAHKEMSEESRVRQRYVDLIVRPEARAVARLRIAVVRAIRTALQRRGFLEVETPVLQTLAGGAAARPFAT
HSNALDIDLYLRIAPELFLKRCIVGGFDKVFELNRVFRNEGADSTHSPEFSMLETYQTYGTYDDSAVVTRELIQEVADEA
IGTRQLPLPDGSVYDIDGEWATIQMYPSLSVALGEEITPQTTVDRLRGIADSLGLEKDPAIHDNRGFGHGKLIEELWERT
VGKSLSAPTFVKDFPVQTTPLTRQHRSIPGVTEKWDLYLRGIELATGYSELSDPVVQRERFADQARAAAAGDDEAMVLDE
DFLAALEYGMPPCTGTGMGIDRLLMSLTGLSIRETVLFPIVRPHSN
;
_entity_poly.pdbx_strand_id   A
#
# COMPACT_ATOMS: atom_id res chain seq x y z
N PRO A 32 0.31 -29.54 -17.81
CA PRO A 32 -0.84 -30.37 -17.43
C PRO A 32 -0.52 -31.85 -17.31
N GLU A 33 0.39 -32.34 -18.17
CA GLU A 33 0.91 -33.69 -18.07
C GLU A 33 2.21 -33.67 -17.27
N GLN A 34 3.06 -32.66 -17.56
CA GLN A 34 4.37 -32.50 -16.95
C GLN A 34 4.25 -32.34 -15.43
N PHE A 35 3.03 -32.05 -14.97
CA PHE A 35 2.67 -32.12 -13.56
C PHE A 35 3.14 -33.45 -12.97
N ARG A 36 2.92 -34.55 -13.71
CA ARG A 36 3.07 -35.90 -13.18
C ARG A 36 4.51 -36.40 -13.30
N ILE A 37 5.23 -35.99 -14.35
CA ILE A 37 6.62 -36.41 -14.52
C ILE A 37 7.49 -35.76 -13.44
N ARG A 38 7.13 -34.53 -13.04
CA ARG A 38 7.82 -33.83 -11.98
C ARG A 38 7.63 -34.57 -10.65
N ARG A 39 6.39 -34.98 -10.36
CA ARG A 39 6.05 -35.70 -9.15
C ARG A 39 6.76 -37.06 -9.12
N ASP A 40 7.02 -37.63 -10.31
CA ASP A 40 7.79 -38.87 -10.46
C ASP A 40 9.27 -38.60 -10.21
N LYS A 41 9.75 -37.40 -10.58
CA LYS A 41 11.13 -37.03 -10.34
C LYS A 41 11.40 -36.84 -8.85
N ARG A 42 10.36 -36.42 -8.10
CA ARG A 42 10.46 -36.30 -6.66
C ARG A 42 10.67 -37.67 -6.03
N ALA A 43 9.72 -38.59 -6.28
CA ALA A 43 9.68 -39.89 -5.64
C ALA A 43 10.94 -40.71 -5.92
N ARG A 44 11.49 -40.61 -7.15
CA ARG A 44 12.63 -41.43 -7.54
C ARG A 44 13.92 -40.83 -6.99
N LEU A 45 13.82 -39.69 -6.30
CA LEU A 45 14.95 -39.07 -5.62
C LEU A 45 14.96 -39.48 -4.15
N LEU A 46 13.77 -39.49 -3.53
CA LEU A 46 13.61 -39.94 -2.15
C LEU A 46 14.12 -41.38 -2.02
N ALA A 47 13.67 -42.25 -2.93
CA ALA A 47 14.06 -43.66 -2.93
C ALA A 47 15.58 -43.80 -3.08
N GLN A 48 16.19 -42.93 -3.89
CA GLN A 48 17.63 -42.97 -4.12
C GLN A 48 18.40 -42.41 -2.92
N GLY A 49 17.72 -41.64 -2.06
CA GLY A 49 18.35 -41.08 -0.87
C GLY A 49 19.13 -39.81 -1.21
N ARG A 50 18.55 -39.01 -2.09
CA ARG A 50 19.00 -37.66 -2.40
C ARG A 50 17.82 -36.75 -2.08
N ASP A 51 18.05 -35.74 -1.25
CA ASP A 51 16.95 -34.98 -0.65
C ASP A 51 16.60 -33.84 -1.60
N PRO A 52 15.36 -33.82 -2.19
CA PRO A 52 14.92 -32.71 -3.03
C PRO A 52 14.34 -31.52 -2.29
N TYR A 53 14.23 -31.63 -0.96
CA TYR A 53 13.88 -30.51 -0.09
C TYR A 53 14.80 -30.54 1.13
N PRO A 54 16.13 -30.34 0.96
CA PRO A 54 17.06 -30.38 2.09
C PRO A 54 16.80 -29.26 3.08
N VAL A 55 17.21 -29.46 4.33
CA VAL A 55 16.96 -28.52 5.41
C VAL A 55 17.87 -27.29 5.25
N ALA A 56 19.13 -27.54 4.87
CA ALA A 56 20.16 -26.51 4.86
C ALA A 56 21.12 -26.77 3.71
N VAL A 57 21.30 -25.75 2.86
CA VAL A 57 22.35 -25.75 1.87
C VAL A 57 23.22 -24.52 2.14
N PRO A 58 24.56 -24.64 2.11
CA PRO A 58 25.43 -23.54 2.55
C PRO A 58 25.65 -22.46 1.48
N ARG A 59 24.61 -21.65 1.27
CA ARG A 59 24.70 -20.51 0.37
C ARG A 59 25.55 -19.43 1.04
N THR A 60 26.69 -19.11 0.43
CA THR A 60 27.63 -18.15 0.98
C THR A 60 27.27 -16.73 0.53
N HIS A 61 26.63 -16.60 -0.63
CA HIS A 61 26.41 -15.30 -1.24
C HIS A 61 25.08 -15.25 -1.99
N THR A 62 24.38 -14.11 -1.90
CA THR A 62 23.33 -13.77 -2.85
C THR A 62 24.00 -13.46 -4.18
N LEU A 63 23.23 -13.52 -5.27
CA LEU A 63 23.79 -13.30 -6.60
C LEU A 63 24.18 -11.84 -6.76
N ALA A 64 23.38 -10.94 -6.21
CA ALA A 64 23.68 -9.51 -6.19
C ALA A 64 25.04 -9.27 -5.51
N GLU A 65 25.34 -10.05 -4.46
CA GLU A 65 26.60 -9.95 -3.76
C GLU A 65 27.75 -10.30 -4.70
N VAL A 66 27.55 -11.34 -5.53
CA VAL A 66 28.56 -11.80 -6.47
C VAL A 66 28.74 -10.77 -7.59
N ARG A 67 27.63 -10.22 -8.08
CA ARG A 67 27.68 -9.23 -9.15
C ARG A 67 28.43 -7.99 -8.69
N ALA A 68 28.08 -7.48 -7.50
CA ALA A 68 28.70 -6.28 -6.95
C ALA A 68 30.18 -6.52 -6.64
N ALA A 69 30.53 -7.77 -6.31
CA ALA A 69 31.90 -8.16 -6.01
C ALA A 69 32.75 -8.14 -7.28
N HIS A 70 32.23 -8.70 -8.38
CA HIS A 70 32.97 -8.83 -9.63
C HIS A 70 32.34 -7.99 -10.74
N PRO A 71 32.37 -6.64 -10.66
CA PRO A 71 31.71 -5.80 -11.66
C PRO A 71 32.39 -5.89 -13.03
N ASP A 72 33.60 -5.33 -13.14
CA ASP A 72 34.41 -5.43 -14.34
C ASP A 72 35.32 -6.65 -14.20
N LEU A 73 35.24 -7.56 -15.18
CA LEU A 73 36.04 -8.78 -15.15
C LEU A 73 36.52 -9.09 -16.56
N PRO A 74 37.85 -9.26 -16.79
CA PRO A 74 38.35 -9.78 -18.06
C PRO A 74 37.48 -10.90 -18.59
N ILE A 75 36.78 -10.63 -19.71
CA ILE A 75 35.84 -11.59 -20.28
C ILE A 75 36.61 -12.83 -20.75
N ASP A 76 36.07 -14.01 -20.45
CA ASP A 76 36.72 -15.28 -20.76
C ASP A 76 38.06 -15.35 -20.01
N THR A 77 37.99 -15.22 -18.67
CA THR A 77 39.15 -15.38 -17.80
C THR A 77 38.64 -15.84 -16.43
N ALA A 78 39.50 -16.57 -15.70
CA ALA A 78 39.12 -17.21 -14.44
C ALA A 78 39.51 -16.36 -13.24
N THR A 79 38.81 -16.59 -12.11
CA THR A 79 39.20 -16.07 -10.81
C THR A 79 38.86 -17.11 -9.75
N GLU A 80 39.67 -17.16 -8.69
CA GLU A 80 39.66 -18.26 -7.73
C GLU A 80 38.82 -17.90 -6.50
N ASP A 81 37.92 -16.91 -6.63
CA ASP A 81 36.94 -16.63 -5.59
C ASP A 81 35.90 -17.75 -5.60
N ILE A 82 36.10 -18.72 -4.72
CA ILE A 82 35.15 -19.81 -4.51
C ILE A 82 33.94 -19.24 -3.74
N VAL A 83 32.74 -19.59 -4.21
CA VAL A 83 31.50 -19.16 -3.59
C VAL A 83 30.46 -20.26 -3.76
N GLY A 84 29.48 -20.30 -2.85
CA GLY A 84 28.30 -21.13 -2.99
C GLY A 84 27.06 -20.27 -3.16
N VAL A 85 26.40 -20.37 -4.32
CA VAL A 85 25.22 -19.57 -4.62
C VAL A 85 24.04 -20.52 -4.78
N ALA A 86 22.84 -19.93 -4.77
CA ALA A 86 21.61 -20.67 -4.99
C ALA A 86 20.68 -19.80 -5.82
N GLY A 87 19.60 -20.39 -6.32
CA GLY A 87 18.68 -19.68 -7.19
C GLY A 87 17.78 -20.62 -8.00
N ARG A 88 16.86 -19.99 -8.75
CA ARG A 88 15.89 -20.69 -9.56
C ARG A 88 16.42 -20.85 -10.99
N VAL A 89 16.41 -22.08 -11.50
CA VAL A 89 16.82 -22.34 -12.87
C VAL A 89 15.64 -21.98 -13.77
N ILE A 90 15.83 -20.91 -14.56
CA ILE A 90 14.79 -20.31 -15.37
C ILE A 90 15.05 -20.58 -16.85
N PHE A 91 16.32 -20.55 -17.26
CA PHE A 91 16.71 -20.94 -18.61
C PHE A 91 17.52 -22.24 -18.53
N ALA A 92 17.46 -23.05 -19.58
CA ALA A 92 18.30 -24.23 -19.69
C ALA A 92 18.80 -24.41 -21.12
N ARG A 93 20.01 -24.98 -21.26
CA ARG A 93 20.56 -25.37 -22.54
C ARG A 93 21.54 -26.52 -22.33
N ASN A 94 21.02 -27.75 -22.34
CA ASN A 94 21.81 -28.95 -22.12
C ASN A 94 22.53 -29.30 -23.43
N SER A 95 23.77 -29.81 -23.32
CA SER A 95 24.58 -30.06 -24.50
C SER A 95 25.76 -31.00 -24.20
N GLY A 96 25.52 -32.31 -24.32
CA GLY A 96 26.60 -33.30 -24.34
C GLY A 96 27.42 -33.29 -23.05
N LYS A 97 28.52 -32.52 -23.05
CA LYS A 97 29.48 -32.52 -21.95
C LYS A 97 29.32 -31.30 -21.05
N LEU A 98 28.78 -30.19 -21.59
CA LEU A 98 28.58 -28.97 -20.81
C LEU A 98 27.12 -28.53 -20.88
N CYS A 99 26.56 -28.20 -19.70
CA CYS A 99 25.22 -27.64 -19.59
C CYS A 99 25.28 -26.19 -19.11
N PHE A 100 24.30 -25.41 -19.58
CA PHE A 100 24.18 -24.00 -19.22
C PHE A 100 22.75 -23.74 -18.76
N ALA A 101 22.63 -22.98 -17.68
CA ALA A 101 21.35 -22.56 -17.17
C ALA A 101 21.50 -21.20 -16.49
N THR A 102 20.45 -20.38 -16.57
CA THR A 102 20.42 -19.11 -15.87
C THR A 102 19.85 -19.36 -14.48
N LEU A 103 20.56 -18.85 -13.47
CA LEU A 103 20.08 -18.82 -12.09
C LEU A 103 19.53 -17.43 -11.80
N GLN A 104 18.31 -17.39 -11.28
CA GLN A 104 17.68 -16.14 -10.89
C GLN A 104 17.34 -16.19 -9.40
N ASP A 105 17.98 -15.29 -8.64
CA ASP A 105 17.68 -15.10 -7.22
C ASP A 105 16.28 -14.49 -7.14
N GLY A 106 15.74 -14.42 -5.92
CA GLY A 106 14.35 -14.05 -5.74
C GLY A 106 14.06 -12.59 -6.11
N ASP A 107 15.10 -11.75 -6.08
CA ASP A 107 14.97 -10.32 -6.31
C ASP A 107 15.14 -9.97 -7.79
N GLY A 108 15.61 -10.94 -8.61
CA GLY A 108 15.66 -10.76 -10.05
C GLY A 108 17.07 -10.93 -10.61
N THR A 109 18.10 -10.81 -9.75
CA THR A 109 19.49 -10.85 -10.17
C THR A 109 19.75 -12.18 -10.86
N GLN A 110 20.72 -12.19 -11.78
CA GLN A 110 20.96 -13.36 -12.63
C GLN A 110 22.44 -13.72 -12.66
N LEU A 111 22.71 -15.02 -12.57
CA LEU A 111 24.02 -15.57 -12.84
C LEU A 111 23.86 -16.91 -13.56
N GLN A 112 24.75 -17.18 -14.52
CA GLN A 112 24.67 -18.42 -15.28
C GLN A 112 25.57 -19.47 -14.62
N VAL A 113 25.36 -20.74 -15.02
CA VAL A 113 26.16 -21.87 -14.56
C VAL A 113 26.45 -22.79 -15.74
N ASP A 118 34.10 -33.11 -16.82
CA ASP A 118 35.46 -32.50 -16.74
C ASP A 118 35.58 -31.74 -15.42
N LYS A 119 34.65 -30.80 -15.22
CA LYS A 119 34.51 -30.02 -14.00
C LYS A 119 34.56 -30.94 -12.77
N VAL A 120 33.43 -31.60 -12.43
CA VAL A 120 33.41 -32.61 -11.39
C VAL A 120 32.33 -33.64 -11.71
N GLY A 121 32.74 -34.83 -12.17
CA GLY A 121 31.87 -35.98 -12.27
C GLY A 121 31.01 -35.95 -13.54
N GLN A 122 30.76 -37.13 -14.10
CA GLN A 122 29.87 -37.28 -15.25
C GLN A 122 28.45 -37.57 -14.76
N ALA A 123 28.30 -38.50 -13.81
CA ALA A 123 27.03 -38.77 -13.16
C ALA A 123 26.35 -37.45 -12.78
N ALA A 124 27.16 -36.47 -12.36
CA ALA A 124 26.70 -35.11 -12.10
C ALA A 124 25.86 -34.57 -13.27
N LEU A 125 26.40 -34.70 -14.49
CA LEU A 125 25.76 -34.18 -15.70
C LEU A 125 24.53 -35.02 -16.03
N ASP A 126 24.63 -36.33 -15.81
CA ASP A 126 23.52 -37.25 -16.02
C ASP A 126 22.36 -36.85 -15.12
N ALA A 127 22.66 -36.68 -13.82
CA ALA A 127 21.67 -36.24 -12.85
C ALA A 127 21.14 -34.87 -13.23
N TRP A 128 22.05 -33.96 -13.58
CA TRP A 128 21.68 -32.62 -14.02
C TRP A 128 20.59 -32.72 -15.09
N LYS A 129 20.88 -33.46 -16.17
CA LYS A 129 19.96 -33.60 -17.29
C LYS A 129 18.63 -34.21 -16.82
N ALA A 130 18.71 -35.31 -16.05
CA ALA A 130 17.54 -36.13 -15.76
C ALA A 130 16.76 -35.61 -14.55
N ASP A 131 17.40 -34.81 -13.69
CA ASP A 131 16.81 -34.39 -12.42
C ASP A 131 16.32 -32.94 -12.48
N VAL A 132 17.03 -32.06 -13.19
CA VAL A 132 16.72 -30.64 -13.18
C VAL A 132 15.63 -30.33 -14.22
N ASP A 133 14.64 -29.54 -13.78
CA ASP A 133 13.66 -28.94 -14.67
C ASP A 133 13.63 -27.44 -14.42
N LEU A 134 12.93 -26.70 -15.28
CA LEU A 134 12.74 -25.28 -15.10
C LEU A 134 11.80 -25.03 -13.93
N GLY A 135 12.02 -23.92 -13.20
CA GLY A 135 11.29 -23.60 -12.00
C GLY A 135 11.91 -24.22 -10.74
N ASP A 136 13.00 -24.97 -10.91
CA ASP A 136 13.64 -25.67 -9.82
C ASP A 136 14.62 -24.74 -9.12
N ILE A 137 14.71 -24.91 -7.79
CA ILE A 137 15.67 -24.19 -6.96
C ILE A 137 16.88 -25.11 -6.76
N VAL A 138 18.07 -24.58 -7.05
CA VAL A 138 19.30 -25.37 -7.14
C VAL A 138 20.42 -24.63 -6.41
N TYR A 139 21.34 -25.39 -5.81
CA TYR A 139 22.54 -24.84 -5.20
C TYR A 139 23.75 -25.22 -6.05
N VAL A 140 24.69 -24.29 -6.23
CA VAL A 140 25.94 -24.55 -6.95
C VAL A 140 27.12 -23.98 -6.16
N HIS A 141 28.08 -24.85 -5.83
CA HIS A 141 29.36 -24.44 -5.28
C HIS A 141 30.39 -24.44 -6.41
N GLY A 142 31.29 -23.45 -6.41
CA GLY A 142 32.35 -23.39 -7.39
C GLY A 142 32.99 -22.02 -7.50
N ALA A 143 33.79 -21.84 -8.56
CA ALA A 143 34.53 -20.62 -8.80
C ALA A 143 33.83 -19.77 -9.86
N VAL A 144 33.86 -18.45 -9.68
CA VAL A 144 33.21 -17.52 -10.58
C VAL A 144 34.14 -17.23 -11.76
N ILE A 145 33.59 -17.26 -12.98
CA ILE A 145 34.34 -17.04 -14.21
C ILE A 145 33.50 -16.19 -15.15
N SER A 146 34.15 -15.71 -16.22
CA SER A 146 33.50 -14.85 -17.21
C SER A 146 33.22 -15.64 -18.49
N SER A 147 31.98 -15.52 -18.98
CA SER A 147 31.49 -16.29 -20.12
C SER A 147 32.17 -15.81 -21.40
N ARG A 148 32.33 -16.75 -22.36
CA ARG A 148 33.03 -16.51 -23.61
C ARG A 148 32.25 -15.51 -24.48
N LEU A 152 28.63 -13.48 -17.08
CA LEU A 152 29.22 -13.78 -15.75
C LEU A 152 28.56 -15.03 -15.17
N SER A 153 29.31 -16.13 -15.19
CA SER A 153 28.79 -17.43 -14.80
C SER A 153 29.55 -17.94 -13.58
N VAL A 154 29.18 -19.15 -13.13
CA VAL A 154 29.96 -19.89 -12.14
C VAL A 154 30.02 -21.36 -12.57
N LEU A 155 31.22 -21.94 -12.49
CA LEU A 155 31.47 -23.31 -12.90
C LEU A 155 31.63 -24.19 -11.66
N ALA A 156 30.99 -25.37 -11.71
CA ALA A 156 30.58 -26.08 -10.50
C ALA A 156 31.64 -27.08 -10.04
N ASP A 157 31.99 -27.00 -8.75
CA ASP A 157 32.61 -28.09 -8.03
C ASP A 157 31.51 -29.09 -7.68
N CYS A 158 30.56 -28.60 -6.86
CA CYS A 158 29.44 -29.39 -6.36
C CYS A 158 28.14 -28.85 -6.99
N TRP A 159 27.04 -29.59 -6.82
CA TRP A 159 25.71 -29.03 -7.02
C TRP A 159 24.66 -29.93 -6.39
N ARG A 160 23.54 -29.32 -5.97
CA ARG A 160 22.47 -30.02 -5.28
C ARG A 160 21.14 -29.35 -5.62
N ILE A 161 20.04 -30.12 -5.56
CA ILE A 161 18.70 -29.55 -5.59
C ILE A 161 18.36 -29.01 -4.20
N ALA A 162 17.78 -27.80 -4.16
CA ALA A 162 17.32 -27.19 -2.93
C ALA A 162 15.81 -27.35 -2.80
N ALA A 163 15.10 -27.25 -3.93
CA ALA A 163 13.67 -27.50 -3.96
C ALA A 163 13.25 -27.95 -5.36
N LYS A 164 12.40 -28.99 -5.39
CA LYS A 164 11.87 -29.55 -6.62
C LYS A 164 10.50 -28.92 -6.89
N SER A 165 10.36 -28.35 -8.09
CA SER A 165 9.12 -27.76 -8.54
C SER A 165 8.28 -28.81 -9.25
N LEU A 166 7.03 -28.97 -8.80
CA LEU A 166 6.08 -29.90 -9.37
C LEU A 166 5.12 -29.16 -10.29
N ARG A 167 5.44 -27.89 -10.59
CA ARG A 167 4.63 -27.09 -11.49
C ARG A 167 5.55 -26.18 -12.30
N PRO A 168 5.63 -26.35 -13.64
CA PRO A 168 6.45 -25.47 -14.46
C PRO A 168 5.82 -24.09 -14.47
N LEU A 169 6.66 -23.08 -14.65
CA LEU A 169 6.21 -21.70 -14.69
C LEU A 169 5.54 -21.45 -16.04
N PRO A 170 4.48 -20.60 -16.13
CA PRO A 170 3.94 -20.18 -17.42
C PRO A 170 4.88 -19.25 -18.20
N MET A 176 -0.36 -14.07 -18.47
CA MET A 176 -1.11 -14.13 -17.19
C MET A 176 -2.09 -12.97 -17.12
N SER A 177 -3.40 -13.29 -17.11
CA SER A 177 -4.43 -12.26 -16.96
C SER A 177 -4.24 -11.53 -15.64
N GLU A 178 -4.65 -10.25 -15.61
CA GLU A 178 -4.44 -9.38 -14.46
C GLU A 178 -5.09 -9.99 -13.21
N GLU A 179 -6.11 -10.83 -13.40
CA GLU A 179 -6.82 -11.44 -12.30
C GLU A 179 -6.18 -12.78 -11.90
N SER A 180 -5.57 -13.50 -12.85
CA SER A 180 -4.83 -14.71 -12.53
C SER A 180 -3.47 -14.34 -11.94
N ARG A 181 -3.03 -13.10 -12.17
CA ARG A 181 -1.85 -12.53 -11.55
C ARG A 181 -2.06 -12.35 -10.05
N VAL A 182 -3.24 -11.84 -9.68
CA VAL A 182 -3.57 -11.50 -8.31
C VAL A 182 -3.81 -12.76 -7.49
N ARG A 183 -4.42 -13.78 -8.12
CA ARG A 183 -4.77 -15.02 -7.44
C ARG A 183 -3.54 -15.90 -7.26
N GLN A 184 -2.49 -15.66 -8.05
CA GLN A 184 -1.22 -16.36 -7.90
C GLN A 184 -0.08 -15.35 -7.94
N ARG A 185 0.05 -14.56 -6.87
CA ARG A 185 1.06 -13.51 -6.79
C ARG A 185 2.45 -14.13 -6.77
N TYR A 186 2.54 -15.30 -6.13
CA TYR A 186 3.80 -16.00 -5.97
C TYR A 186 4.41 -16.32 -7.33
N VAL A 187 3.58 -16.67 -8.34
CA VAL A 187 4.10 -16.95 -9.67
C VAL A 187 4.42 -15.63 -10.36
N ASP A 188 3.49 -14.66 -10.21
CA ASP A 188 3.65 -13.33 -10.76
C ASP A 188 5.04 -12.80 -10.43
N LEU A 189 5.39 -12.86 -9.14
CA LEU A 189 6.63 -12.30 -8.62
C LEU A 189 7.85 -13.02 -9.18
N ILE A 190 7.68 -14.30 -9.56
CA ILE A 190 8.79 -15.09 -10.08
C ILE A 190 9.10 -14.68 -11.51
N VAL A 191 8.07 -14.48 -12.33
CA VAL A 191 8.22 -14.50 -13.78
C VAL A 191 8.05 -13.10 -14.39
N ARG A 192 7.57 -12.12 -13.61
CA ARG A 192 7.37 -10.78 -14.11
C ARG A 192 8.15 -9.77 -13.25
N PRO A 193 9.17 -9.07 -13.81
CA PRO A 193 9.99 -8.13 -13.04
C PRO A 193 9.22 -7.02 -12.35
N GLU A 194 8.17 -6.52 -13.01
CA GLU A 194 7.45 -5.34 -12.57
C GLU A 194 6.67 -5.67 -11.30
N ALA A 195 6.19 -6.91 -11.19
CA ALA A 195 5.56 -7.39 -9.97
C ALA A 195 6.52 -7.26 -8.79
N ARG A 196 7.80 -7.59 -9.04
CA ARG A 196 8.84 -7.51 -8.04
C ARG A 196 9.07 -6.06 -7.59
N ALA A 197 9.09 -5.13 -8.56
CA ALA A 197 9.40 -3.73 -8.28
C ALA A 197 8.27 -3.04 -7.52
N VAL A 198 7.02 -3.38 -7.86
CA VAL A 198 5.84 -2.80 -7.22
C VAL A 198 5.75 -3.29 -5.78
N ALA A 199 5.90 -4.59 -5.56
CA ALA A 199 5.94 -5.14 -4.22
C ALA A 199 6.95 -4.34 -3.39
N ARG A 200 8.18 -4.23 -3.90
CA ARG A 200 9.28 -3.59 -3.19
C ARG A 200 9.02 -2.10 -3.00
N LEU A 201 8.29 -1.47 -3.94
CA LEU A 201 8.02 -0.04 -3.86
C LEU A 201 7.03 0.27 -2.72
N ARG A 202 5.96 -0.51 -2.62
CA ARG A 202 4.98 -0.34 -1.55
C ARG A 202 5.69 -0.33 -0.20
N ILE A 203 6.62 -1.27 -0.05
CA ILE A 203 7.36 -1.52 1.18
C ILE A 203 8.19 -0.28 1.52
N ALA A 204 8.94 0.20 0.51
CA ALA A 204 9.78 1.38 0.68
C ALA A 204 8.94 2.60 1.02
N VAL A 205 7.78 2.74 0.38
CA VAL A 205 6.87 3.86 0.61
C VAL A 205 6.40 3.86 2.07
N VAL A 206 6.08 2.66 2.59
CA VAL A 206 5.55 2.50 3.94
C VAL A 206 6.66 2.80 4.96
N ARG A 207 7.88 2.34 4.66
CA ARG A 207 9.03 2.65 5.48
C ARG A 207 9.27 4.15 5.46
N ALA A 208 9.23 4.75 4.27
CA ALA A 208 9.46 6.18 4.13
C ALA A 208 8.47 6.98 4.97
N ILE A 209 7.25 6.46 5.12
CA ILE A 209 6.21 7.14 5.87
C ILE A 209 6.60 7.13 7.35
N ARG A 210 7.03 5.95 7.82
CA ARG A 210 7.40 5.76 9.21
C ARG A 210 8.59 6.66 9.54
N THR A 211 9.61 6.62 8.69
CA THR A 211 10.77 7.49 8.84
C THR A 211 10.28 8.92 9.03
N ALA A 212 9.55 9.45 8.05
CA ALA A 212 9.16 10.85 8.01
C ALA A 212 8.45 11.28 9.30
N LEU A 213 7.47 10.48 9.71
CA LEU A 213 6.72 10.78 10.92
C LEU A 213 7.62 10.63 12.15
N GLN A 214 8.48 9.60 12.16
CA GLN A 214 9.37 9.40 13.29
C GLN A 214 10.38 10.53 13.41
N ARG A 215 10.90 11.01 12.27
CA ARG A 215 11.79 12.16 12.25
C ARG A 215 11.12 13.38 12.93
N ARG A 216 9.80 13.54 12.73
CA ARG A 216 9.05 14.66 13.28
C ARG A 216 8.60 14.43 14.72
N GLY A 217 8.96 13.29 15.31
CA GLY A 217 8.69 13.01 16.71
C GLY A 217 7.33 12.38 16.97
N PHE A 218 6.80 11.62 15.99
CA PHE A 218 5.54 10.90 16.14
C PHE A 218 5.79 9.50 16.69
N LEU A 219 4.87 9.05 17.56
CA LEU A 219 4.91 7.71 18.11
C LEU A 219 3.83 6.86 17.45
N GLU A 220 4.16 5.62 17.10
CA GLU A 220 3.21 4.73 16.46
C GLU A 220 2.53 3.88 17.52
N VAL A 221 1.20 3.75 17.42
CA VAL A 221 0.42 3.10 18.46
C VAL A 221 -0.47 2.03 17.82
N GLU A 222 -0.77 0.99 18.61
CA GLU A 222 -1.71 -0.05 18.21
C GLU A 222 -3.02 0.17 18.96
N THR A 223 -4.12 0.34 18.20
CA THR A 223 -5.46 0.50 18.76
C THR A 223 -6.36 -0.64 18.26
N PRO A 224 -7.45 -1.00 18.97
CA PRO A 224 -8.15 -2.25 18.71
C PRO A 224 -8.74 -2.36 17.31
N VAL A 225 -8.66 -3.56 16.74
CA VAL A 225 -9.35 -3.88 15.49
C VAL A 225 -10.78 -4.34 15.82
N LEU A 226 -10.93 -5.11 16.89
CA LEU A 226 -12.25 -5.56 17.33
C LEU A 226 -12.80 -4.55 18.35
N GLN A 227 -14.02 -4.08 18.08
CA GLN A 227 -14.64 -3.00 18.84
C GLN A 227 -16.08 -3.38 19.17
N THR A 228 -16.61 -2.82 20.26
CA THR A 228 -18.00 -3.06 20.65
C THR A 228 -18.92 -2.23 19.75
N LEU A 229 -18.43 -1.08 19.28
CA LEU A 229 -19.07 -0.39 18.17
C LEU A 229 -17.99 0.37 17.38
N ALA A 230 -18.08 0.27 16.06
CA ALA A 230 -17.08 0.81 15.15
C ALA A 230 -17.48 2.21 14.69
N GLY A 231 -16.61 3.19 15.00
CA GLY A 231 -16.80 4.58 14.60
C GLY A 231 -15.53 5.11 13.93
N GLY A 232 -15.49 6.43 13.70
CA GLY A 232 -14.34 7.10 13.12
C GLY A 232 -14.50 7.41 11.63
N ALA A 233 -15.53 6.84 10.99
CA ALA A 233 -15.81 7.11 9.59
C ALA A 233 -17.25 6.72 9.27
N ALA A 234 -17.70 7.04 8.04
CA ALA A 234 -19.02 6.65 7.58
C ALA A 234 -18.92 5.43 6.68
N ALA A 235 -19.23 4.25 7.25
CA ALA A 235 -19.25 2.99 6.49
C ALA A 235 -19.90 1.90 7.33
N ARG A 236 -20.37 0.84 6.65
CA ARG A 236 -20.95 -0.32 7.30
C ARG A 236 -19.82 -1.22 7.80
N PRO A 237 -19.82 -1.63 9.10
CA PRO A 237 -18.79 -2.51 9.62
C PRO A 237 -18.93 -3.96 9.17
N PHE A 238 -17.83 -4.70 9.28
CA PHE A 238 -17.87 -6.16 9.35
C PHE A 238 -18.18 -6.56 10.79
N ALA A 239 -19.17 -7.46 10.97
CA ALA A 239 -19.53 -7.97 12.28
C ALA A 239 -19.04 -9.40 12.43
N THR A 240 -18.65 -9.76 13.65
CA THR A 240 -18.18 -11.10 13.96
C THR A 240 -18.60 -11.43 15.39
N HIS A 241 -18.79 -12.73 15.66
CA HIS A 241 -19.30 -13.17 16.94
C HIS A 241 -18.16 -13.72 17.77
N SER A 242 -18.14 -13.36 19.06
CA SER A 242 -17.12 -13.80 20.00
C SER A 242 -17.63 -14.97 20.86
N ASN A 243 -16.85 -16.06 20.89
CA ASN A 243 -17.17 -17.22 21.70
C ASN A 243 -16.89 -16.91 23.17
N ALA A 244 -15.95 -15.99 23.40
CA ALA A 244 -15.55 -15.58 24.73
C ALA A 244 -16.70 -14.89 25.48
N LEU A 245 -17.45 -14.04 24.77
CA LEU A 245 -18.39 -13.13 25.41
C LEU A 245 -19.83 -13.34 24.92
N ASP A 246 -20.01 -14.22 23.93
CA ASP A 246 -21.30 -14.49 23.31
C ASP A 246 -21.97 -13.19 22.86
N ILE A 247 -21.18 -12.32 22.19
CA ILE A 247 -21.70 -11.09 21.61
C ILE A 247 -21.01 -10.88 20.26
N ASP A 248 -21.63 -10.05 19.41
CA ASP A 248 -20.99 -9.55 18.21
C ASP A 248 -19.95 -8.49 18.56
N LEU A 249 -18.81 -8.54 17.86
CA LEU A 249 -17.85 -7.43 17.81
C LEU A 249 -17.79 -6.94 16.37
N TYR A 250 -17.26 -5.73 16.19
CA TYR A 250 -17.21 -5.12 14.87
C TYR A 250 -15.78 -4.69 14.58
N LEU A 251 -15.28 -5.09 13.40
CA LEU A 251 -13.96 -4.70 12.93
C LEU A 251 -13.95 -3.20 12.68
N ARG A 252 -12.84 -2.55 13.01
CA ARG A 252 -12.76 -1.10 12.96
C ARG A 252 -12.85 -0.61 11.51
N ILE A 253 -13.59 0.49 11.34
CA ILE A 253 -13.69 1.21 10.09
C ILE A 253 -12.62 2.30 10.08
N ALA A 254 -12.20 2.74 11.27
CA ALA A 254 -11.13 3.71 11.41
C ALA A 254 -10.62 3.76 12.85
N PRO A 255 -9.33 4.11 13.08
CA PRO A 255 -8.77 4.24 14.44
C PRO A 255 -8.97 5.57 15.18
N GLU A 256 -9.63 6.52 14.50
CA GLU A 256 -9.69 7.91 14.93
C GLU A 256 -10.15 8.03 16.39
N LEU A 257 -11.27 7.38 16.73
CA LEU A 257 -11.89 7.60 18.02
C LEU A 257 -10.97 7.15 19.14
N PHE A 258 -10.21 6.08 18.88
CA PHE A 258 -9.26 5.55 19.86
C PHE A 258 -8.00 6.40 19.88
N LEU A 259 -7.53 6.78 18.68
CA LEU A 259 -6.38 7.67 18.59
C LEU A 259 -6.64 8.95 19.38
N LYS A 260 -7.87 9.48 19.30
CA LYS A 260 -8.25 10.69 20.02
C LYS A 260 -8.21 10.48 21.53
N ARG A 261 -8.50 9.27 22.00
CA ARG A 261 -8.34 8.92 23.40
C ARG A 261 -6.88 9.06 23.83
N CYS A 262 -5.96 8.70 22.93
CA CYS A 262 -4.53 8.77 23.20
C CYS A 262 -4.08 10.22 23.38
N ILE A 263 -4.68 11.12 22.58
CA ILE A 263 -4.40 12.54 22.65
C ILE A 263 -4.92 13.09 23.99
N VAL A 264 -6.15 12.68 24.37
CA VAL A 264 -6.70 13.01 25.68
C VAL A 264 -5.69 12.57 26.72
N GLY A 265 -5.15 11.36 26.52
CA GLY A 265 -4.29 10.71 27.49
C GLY A 265 -2.88 11.30 27.53
N GLY A 266 -2.61 12.32 26.70
CA GLY A 266 -1.38 13.08 26.82
C GLY A 266 -0.35 12.73 25.74
N PHE A 267 -0.75 11.99 24.72
CA PHE A 267 0.09 11.87 23.55
C PHE A 267 0.10 13.24 22.87
N ASP A 268 1.31 13.64 22.45
CA ASP A 268 1.56 14.89 21.77
C ASP A 268 1.44 14.65 20.27
N LYS A 269 2.09 13.58 19.78
CA LYS A 269 2.10 13.26 18.36
C LYS A 269 2.01 11.75 18.17
N VAL A 270 0.92 11.29 17.54
CA VAL A 270 0.67 9.86 17.39
C VAL A 270 0.21 9.58 15.96
N PHE A 271 0.53 8.38 15.47
CA PHE A 271 -0.01 7.88 14.23
C PHE A 271 -0.23 6.37 14.33
N GLU A 272 -0.93 5.82 13.32
CA GLU A 272 -1.18 4.40 13.23
C GLU A 272 -1.37 4.03 11.77
N LEU A 273 -0.44 3.22 11.24
CA LEU A 273 -0.47 2.73 9.87
C LEU A 273 -0.87 1.25 9.88
N ASN A 274 -2.12 0.97 9.50
CA ASN A 274 -2.68 -0.38 9.60
C ASN A 274 -4.03 -0.45 8.89
N ARG A 275 -4.56 -1.67 8.76
CA ARG A 275 -5.70 -1.93 7.92
C ARG A 275 -6.99 -1.52 8.62
N VAL A 276 -7.92 -0.99 7.82
CA VAL A 276 -9.28 -0.77 8.28
C VAL A 276 -10.21 -1.62 7.41
N PHE A 277 -11.47 -1.73 7.84
CA PHE A 277 -12.40 -2.67 7.24
C PHE A 277 -13.75 -1.98 7.03
N ARG A 278 -14.16 -1.86 5.76
CA ARG A 278 -15.41 -1.19 5.41
C ARG A 278 -16.25 -2.12 4.52
N ASN A 279 -17.37 -2.59 5.08
CA ASN A 279 -18.15 -3.68 4.49
C ASN A 279 -19.05 -3.12 3.40
N GLU A 280 -18.46 -2.84 2.23
CA GLU A 280 -19.13 -2.19 1.13
C GLU A 280 -18.55 -2.74 -0.16
N GLY A 281 -18.88 -2.11 -1.30
CA GLY A 281 -18.54 -2.65 -2.61
C GLY A 281 -17.12 -2.29 -3.05
N ALA A 282 -16.60 -3.06 -4.00
CA ALA A 282 -15.27 -2.85 -4.54
C ALA A 282 -15.36 -2.15 -5.90
N ASP A 283 -14.40 -1.23 -6.13
CA ASP A 283 -14.21 -0.58 -7.41
C ASP A 283 -12.72 -0.22 -7.50
N SER A 284 -12.36 0.68 -8.42
CA SER A 284 -10.97 0.93 -8.75
C SER A 284 -10.29 1.83 -7.71
N THR A 285 -11.07 2.43 -6.79
CA THR A 285 -10.52 3.22 -5.70
C THR A 285 -11.12 2.80 -4.36
N HIS A 286 -11.85 1.68 -4.33
CA HIS A 286 -12.44 1.19 -3.09
C HIS A 286 -12.24 -0.32 -2.96
N SER A 287 -11.83 -0.76 -1.77
CA SER A 287 -11.79 -2.18 -1.43
C SER A 287 -12.20 -2.37 0.04
N PRO A 288 -12.73 -3.55 0.42
CA PRO A 288 -13.27 -3.75 1.75
C PRO A 288 -12.23 -3.84 2.86
N GLU A 289 -11.00 -4.18 2.47
CA GLU A 289 -9.86 -4.15 3.37
C GLU A 289 -8.75 -3.35 2.72
N PHE A 290 -8.28 -2.31 3.42
CA PHE A 290 -7.13 -1.58 2.92
C PHE A 290 -6.37 -0.92 4.07
N SER A 291 -5.14 -0.54 3.74
CA SER A 291 -4.18 0.03 4.67
C SER A 291 -4.31 1.55 4.63
N MET A 292 -4.28 2.15 5.81
CA MET A 292 -4.65 3.54 5.99
C MET A 292 -3.76 4.14 7.08
N LEU A 293 -3.40 5.42 6.92
CA LEU A 293 -2.58 6.14 7.89
C LEU A 293 -3.45 7.21 8.55
N GLU A 294 -3.46 7.24 9.89
CA GLU A 294 -4.02 8.36 10.63
C GLU A 294 -2.91 9.00 11.46
N THR A 295 -2.96 10.34 11.52
CA THR A 295 -1.96 11.16 12.20
C THR A 295 -2.70 12.12 13.13
N TYR A 296 -2.16 12.37 14.33
CA TYR A 296 -2.73 13.36 15.25
C TYR A 296 -1.60 14.14 15.93
N GLN A 297 -1.78 15.48 15.96
CA GLN A 297 -0.77 16.40 16.45
C GLN A 297 -1.45 17.50 17.28
N THR A 298 -0.99 17.68 18.52
CA THR A 298 -1.59 18.67 19.41
C THR A 298 -1.04 20.06 19.09
N TYR A 299 -1.91 21.07 19.23
CA TYR A 299 -1.55 22.49 19.14
C TYR A 299 -1.13 22.86 17.72
N GLY A 300 -1.84 22.31 16.72
CA GLY A 300 -1.83 22.82 15.35
C GLY A 300 -3.22 22.65 14.75
N THR A 301 -3.46 23.29 13.59
CA THR A 301 -4.75 23.23 12.93
C THR A 301 -4.62 22.49 11.61
N TYR A 302 -5.70 22.53 10.82
CA TYR A 302 -5.73 21.92 9.50
C TYR A 302 -4.80 22.65 8.54
N ASP A 303 -4.45 23.91 8.86
CA ASP A 303 -3.45 24.62 8.10
C ASP A 303 -2.07 23.97 8.29
N ASP A 304 -1.80 23.50 9.50
CA ASP A 304 -0.50 22.93 9.84
C ASP A 304 -0.35 21.52 9.28
N SER A 305 -1.43 20.73 9.33
CA SER A 305 -1.39 19.33 8.94
C SER A 305 -1.37 19.19 7.42
N ALA A 306 -1.86 20.24 6.75
CA ALA A 306 -1.80 20.35 5.29
C ALA A 306 -0.34 20.48 4.84
N VAL A 307 0.44 21.30 5.55
CA VAL A 307 1.83 21.50 5.20
C VAL A 307 2.56 20.17 5.37
N VAL A 308 2.37 19.53 6.53
CA VAL A 308 3.03 18.28 6.87
C VAL A 308 2.66 17.22 5.83
N THR A 309 1.41 17.20 5.40
CA THR A 309 0.95 16.18 4.48
C THR A 309 1.70 16.31 3.16
N ARG A 310 1.85 17.55 2.70
CA ARG A 310 2.59 17.83 1.47
C ARG A 310 4.03 17.34 1.62
N GLU A 311 4.70 17.78 2.69
CA GLU A 311 6.10 17.46 2.92
C GLU A 311 6.27 15.96 2.95
N LEU A 312 5.31 15.30 3.61
CA LEU A 312 5.33 13.87 3.82
C LEU A 312 5.32 13.17 2.47
N ILE A 313 4.32 13.49 1.64
CA ILE A 313 4.15 12.87 0.34
C ILE A 313 5.40 13.10 -0.51
N GLN A 314 5.94 14.32 -0.44
CA GLN A 314 7.12 14.72 -1.20
C GLN A 314 8.35 13.96 -0.72
N GLU A 315 8.49 13.84 0.61
CA GLU A 315 9.61 13.13 1.21
C GLU A 315 9.56 11.64 0.86
N VAL A 316 8.34 11.11 0.66
CA VAL A 316 8.13 9.71 0.32
C VAL A 316 8.62 9.46 -1.12
N ALA A 317 8.14 10.30 -2.04
CA ALA A 317 8.58 10.23 -3.42
C ALA A 317 10.10 10.17 -3.47
N ASP A 318 10.75 11.10 -2.76
CA ASP A 318 12.21 11.22 -2.76
C ASP A 318 12.87 9.90 -2.36
N GLU A 319 12.39 9.30 -1.26
CA GLU A 319 13.00 8.11 -0.70
C GLU A 319 12.69 6.88 -1.56
N ALA A 320 11.43 6.74 -1.99
CA ALA A 320 10.94 5.50 -2.58
C ALA A 320 11.03 5.50 -4.10
N ILE A 321 10.92 6.68 -4.73
CA ILE A 321 10.83 6.78 -6.18
C ILE A 321 12.06 7.51 -6.74
N GLY A 322 12.52 8.54 -6.03
CA GLY A 322 13.75 9.24 -6.38
C GLY A 322 13.51 10.49 -7.22
N THR A 323 12.25 10.77 -7.59
CA THR A 323 11.93 12.00 -8.29
C THR A 323 10.54 12.49 -7.88
N ARG A 324 10.31 13.79 -8.10
CA ARG A 324 9.00 14.38 -7.92
C ARG A 324 8.39 14.69 -9.30
N GLN A 325 9.18 14.46 -10.36
CA GLN A 325 8.67 14.41 -11.71
C GLN A 325 8.30 12.95 -11.99
N LEU A 326 7.04 12.60 -11.72
CA LEU A 326 6.62 11.22 -11.61
C LEU A 326 6.26 10.66 -12.98
N PRO A 327 6.96 9.61 -13.45
CA PRO A 327 6.64 8.98 -14.73
C PRO A 327 5.38 8.11 -14.61
N LEU A 328 4.59 8.06 -15.68
CA LEU A 328 3.33 7.33 -15.69
C LEU A 328 3.29 6.36 -16.87
N PRO A 329 2.50 5.26 -16.77
CA PRO A 329 2.41 4.27 -17.85
C PRO A 329 1.84 4.88 -19.12
N ASP A 330 0.97 5.86 -18.93
CA ASP A 330 0.59 6.85 -19.93
C ASP A 330 1.78 7.15 -20.85
N GLY A 331 2.95 7.40 -20.25
CA GLY A 331 4.09 7.98 -20.93
C GLY A 331 4.36 9.40 -20.41
N SER A 332 3.34 9.98 -19.78
CA SER A 332 3.39 11.34 -19.26
C SER A 332 4.22 11.43 -17.97
N VAL A 333 4.36 12.66 -17.47
CA VAL A 333 5.00 12.93 -16.21
C VAL A 333 4.08 13.81 -15.38
N TYR A 334 3.89 13.44 -14.10
CA TYR A 334 3.13 14.25 -13.16
C TYR A 334 4.10 14.92 -12.20
N ASP A 335 4.05 16.26 -12.14
CA ASP A 335 4.91 17.06 -11.28
C ASP A 335 4.21 17.27 -9.93
N ILE A 336 4.85 16.82 -8.84
CA ILE A 336 4.32 17.01 -7.49
C ILE A 336 5.25 17.91 -6.66
N ASP A 337 6.20 18.59 -7.32
CA ASP A 337 7.18 19.40 -6.63
C ASP A 337 6.56 20.74 -6.21
N GLY A 338 7.36 21.56 -5.53
CA GLY A 338 6.97 22.92 -5.19
C GLY A 338 5.72 22.95 -4.31
N GLU A 339 4.94 24.04 -4.45
CA GLU A 339 3.84 24.36 -3.57
C GLU A 339 2.53 23.94 -4.24
N TRP A 340 1.51 23.69 -3.41
CA TRP A 340 0.24 23.13 -3.86
C TRP A 340 -0.90 24.10 -3.56
N ALA A 341 -1.84 24.21 -4.50
CA ALA A 341 -2.88 25.25 -4.45
C ALA A 341 -3.91 24.84 -3.42
N THR A 342 -4.45 25.85 -2.71
CA THR A 342 -5.57 25.66 -1.81
C THR A 342 -6.75 26.47 -2.34
N ILE A 343 -7.90 25.80 -2.46
CA ILE A 343 -9.15 26.44 -2.83
C ILE A 343 -10.15 26.19 -1.71
N GLN A 344 -11.28 26.92 -1.73
CA GLN A 344 -12.37 26.68 -0.79
C GLN A 344 -13.57 26.10 -1.53
N MET A 345 -14.33 25.24 -0.84
CA MET A 345 -15.36 24.43 -1.49
C MET A 345 -16.51 25.30 -2.01
N TYR A 346 -17.11 26.08 -1.11
CA TYR A 346 -18.24 26.95 -1.43
C TYR A 346 -17.85 27.98 -2.50
N PRO A 347 -16.80 28.80 -2.33
CA PRO A 347 -16.34 29.71 -3.38
C PRO A 347 -16.00 29.09 -4.74
N SER A 348 -15.24 27.99 -4.74
CA SER A 348 -14.87 27.34 -6.00
C SER A 348 -16.12 26.78 -6.68
N LEU A 349 -17.03 26.20 -5.87
CA LEU A 349 -18.31 25.73 -6.39
C LEU A 349 -19.08 26.88 -7.00
N SER A 350 -19.05 28.04 -6.33
CA SER A 350 -19.72 29.24 -6.80
C SER A 350 -19.22 29.68 -8.19
N VAL A 351 -17.90 29.77 -8.35
CA VAL A 351 -17.33 30.16 -9.62
C VAL A 351 -17.75 29.16 -10.71
N ALA A 352 -17.74 27.86 -10.37
CA ALA A 352 -18.06 26.83 -11.34
C ALA A 352 -19.51 26.92 -11.80
N LEU A 353 -20.43 27.26 -10.88
CA LEU A 353 -21.85 27.33 -11.17
C LEU A 353 -22.27 28.73 -11.60
N GLY A 354 -21.45 29.74 -11.30
CA GLY A 354 -21.72 31.11 -11.70
C GLY A 354 -22.84 31.73 -10.88
N GLU A 355 -22.76 31.52 -9.56
CA GLU A 355 -23.84 31.81 -8.63
C GLU A 355 -23.31 31.64 -7.22
N GLU A 356 -23.67 32.57 -6.32
CA GLU A 356 -23.18 32.53 -4.96
C GLU A 356 -23.86 31.40 -4.20
N ILE A 357 -23.07 30.37 -3.86
CA ILE A 357 -23.47 29.28 -2.99
C ILE A 357 -22.84 29.53 -1.62
N THR A 358 -23.65 29.43 -0.55
CA THR A 358 -23.16 29.59 0.80
C THR A 358 -23.76 28.48 1.66
N PRO A 359 -23.34 28.35 2.94
CA PRO A 359 -24.05 27.49 3.91
C PRO A 359 -25.54 27.75 4.09
N GLN A 360 -26.02 28.91 3.62
CA GLN A 360 -27.42 29.31 3.74
C GLN A 360 -28.26 28.77 2.58
N THR A 361 -27.61 28.47 1.44
CA THR A 361 -28.31 28.02 0.25
C THR A 361 -29.15 26.78 0.54
N THR A 362 -30.40 26.79 0.06
CA THR A 362 -31.41 25.81 0.45
C THR A 362 -31.28 24.54 -0.38
N VAL A 363 -31.79 23.44 0.21
CA VAL A 363 -31.80 22.14 -0.45
C VAL A 363 -32.63 22.19 -1.73
N ASP A 364 -33.70 22.99 -1.73
CA ASP A 364 -34.56 23.12 -2.89
C ASP A 364 -33.77 23.73 -4.06
N ARG A 365 -32.99 24.77 -3.78
CA ARG A 365 -32.19 25.42 -4.81
C ARG A 365 -31.10 24.46 -5.30
N LEU A 366 -30.39 23.82 -4.36
CA LEU A 366 -29.29 22.92 -4.68
C LEU A 366 -29.78 21.79 -5.59
N ARG A 367 -30.92 21.21 -5.23
CA ARG A 367 -31.56 20.15 -5.99
C ARG A 367 -31.88 20.63 -7.40
N GLY A 368 -32.36 21.87 -7.50
CA GLY A 368 -32.57 22.50 -8.79
C GLY A 368 -31.33 22.41 -9.66
N ILE A 369 -30.20 22.90 -9.16
CA ILE A 369 -28.94 22.92 -9.90
C ILE A 369 -28.51 21.48 -10.20
N ALA A 370 -28.61 20.61 -9.19
CA ALA A 370 -28.28 19.20 -9.35
C ALA A 370 -29.00 18.63 -10.56
N ASP A 371 -30.29 18.96 -10.71
CA ASP A 371 -31.09 18.47 -11.81
C ASP A 371 -30.58 19.04 -13.14
N SER A 372 -30.49 20.37 -13.21
CA SER A 372 -30.17 21.08 -14.45
C SER A 372 -28.86 20.56 -15.05
N LEU A 373 -27.99 19.98 -14.21
CA LEU A 373 -26.79 19.29 -14.66
C LEU A 373 -27.12 17.86 -15.06
N GLY A 374 -27.67 17.08 -14.11
CA GLY A 374 -28.01 15.69 -14.34
C GLY A 374 -28.33 14.99 -13.03
N PHE A 387 -30.28 13.87 -0.54
CA PHE A 387 -30.97 14.11 0.77
C PHE A 387 -30.78 15.57 1.17
N GLY A 388 -29.66 15.87 1.84
CA GLY A 388 -29.49 17.10 2.60
C GLY A 388 -28.46 18.07 2.00
N HIS A 389 -28.37 19.25 2.62
CA HIS A 389 -27.59 20.37 2.09
C HIS A 389 -26.14 19.95 1.85
N GLY A 390 -25.48 19.48 2.93
CA GLY A 390 -24.07 19.11 2.90
C GLY A 390 -23.75 18.16 1.75
N LYS A 391 -24.54 17.07 1.66
CA LYS A 391 -24.32 16.02 0.67
C LYS A 391 -24.38 16.60 -0.74
N LEU A 392 -25.27 17.56 -0.95
CA LEU A 392 -25.45 18.18 -2.26
C LEU A 392 -24.25 19.06 -2.62
N ILE A 393 -23.69 19.77 -1.63
CA ILE A 393 -22.57 20.68 -1.88
C ILE A 393 -21.38 19.86 -2.40
N GLU A 394 -21.07 18.77 -1.69
CA GLU A 394 -19.91 17.95 -1.98
C GLU A 394 -20.07 17.29 -3.34
N GLU A 395 -21.30 16.84 -3.63
CA GLU A 395 -21.67 16.18 -4.86
C GLU A 395 -21.56 17.13 -6.05
N LEU A 396 -22.15 18.32 -5.92
CA LEU A 396 -22.08 19.35 -6.93
C LEU A 396 -20.63 19.79 -7.14
N TRP A 397 -19.89 19.91 -6.03
CA TRP A 397 -18.50 20.34 -6.12
C TRP A 397 -17.71 19.28 -6.88
N GLU A 398 -17.92 18.01 -6.54
CA GLU A 398 -17.16 16.92 -7.11
C GLU A 398 -17.46 16.85 -8.60
N ARG A 399 -18.75 16.97 -8.96
CA ARG A 399 -19.18 16.84 -10.35
C ARG A 399 -18.71 18.03 -11.20
N THR A 400 -18.33 19.14 -10.57
CA THR A 400 -17.96 20.34 -11.32
C THR A 400 -16.47 20.65 -11.17
N VAL A 401 -16.01 20.82 -9.93
CA VAL A 401 -14.67 21.34 -9.70
C VAL A 401 -13.68 20.19 -9.59
N GLY A 402 -13.97 19.22 -8.72
CA GLY A 402 -13.04 18.15 -8.39
C GLY A 402 -12.73 17.27 -9.60
N LYS A 403 -13.65 17.21 -10.56
CA LYS A 403 -13.48 16.39 -11.75
C LYS A 403 -12.49 17.04 -12.71
N SER A 404 -12.38 18.37 -12.68
CA SER A 404 -11.50 19.13 -13.57
C SER A 404 -10.05 19.07 -13.11
N LEU A 405 -9.81 18.98 -11.78
CA LEU A 405 -8.50 19.16 -11.18
C LEU A 405 -7.49 18.17 -11.73
N SER A 406 -6.25 18.66 -11.94
CA SER A 406 -5.13 17.84 -12.35
C SER A 406 -3.96 18.04 -11.38
N ALA A 407 -3.49 19.28 -11.26
CA ALA A 407 -2.39 19.61 -10.36
C ALA A 407 -2.76 19.29 -8.92
N PRO A 408 -1.77 19.01 -8.04
CA PRO A 408 -2.06 18.72 -6.63
C PRO A 408 -2.79 19.89 -5.99
N THR A 409 -3.94 19.61 -5.37
CA THR A 409 -4.83 20.65 -4.88
C THR A 409 -5.41 20.26 -3.53
N PHE A 410 -5.41 21.22 -2.59
CA PHE A 410 -6.20 21.11 -1.39
C PHE A 410 -7.53 21.83 -1.62
N VAL A 411 -8.63 21.18 -1.21
CA VAL A 411 -9.90 21.87 -1.05
C VAL A 411 -10.23 21.90 0.44
N LYS A 412 -10.67 23.06 0.94
CA LYS A 412 -10.87 23.21 2.37
C LYS A 412 -12.18 23.94 2.66
N ASP A 413 -12.59 23.87 3.93
CA ASP A 413 -13.77 24.56 4.46
C ASP A 413 -15.04 23.86 4.00
N PHE A 414 -15.40 22.78 4.73
CA PHE A 414 -16.40 21.82 4.29
C PHE A 414 -17.73 22.07 5.02
N PRO A 415 -18.87 21.64 4.44
CA PRO A 415 -20.17 21.77 5.08
C PRO A 415 -20.31 20.95 6.37
N VAL A 416 -20.96 21.54 7.37
CA VAL A 416 -21.01 21.00 8.72
C VAL A 416 -21.71 19.64 8.74
N GLN A 417 -22.78 19.47 7.97
CA GLN A 417 -23.59 18.27 8.05
C GLN A 417 -22.72 17.01 7.90
N THR A 418 -21.83 17.01 6.91
CA THR A 418 -21.13 15.82 6.46
C THR A 418 -19.77 15.68 7.14
N THR A 419 -19.51 16.47 8.18
CA THR A 419 -18.23 16.44 8.85
C THR A 419 -18.45 16.50 10.37
N PRO A 420 -19.06 15.47 10.98
CA PRO A 420 -19.38 15.49 12.41
C PRO A 420 -18.22 15.50 13.41
N LEU A 421 -17.04 15.05 12.98
CA LEU A 421 -15.89 14.91 13.87
C LEU A 421 -14.95 16.12 13.78
N THR A 422 -15.21 17.05 12.88
CA THR A 422 -14.29 18.17 12.70
C THR A 422 -14.89 19.44 13.28
N ARG A 423 -14.02 20.26 13.86
CA ARG A 423 -14.42 21.50 14.49
C ARG A 423 -15.11 22.43 13.49
N GLN A 424 -16.01 23.28 14.00
CA GLN A 424 -16.58 24.37 13.23
C GLN A 424 -15.48 25.39 12.92
N HIS A 425 -15.62 26.06 11.77
CA HIS A 425 -14.62 27.00 11.30
C HIS A 425 -14.51 28.15 12.31
N ARG A 426 -13.29 28.69 12.44
CA ARG A 426 -12.97 29.67 13.45
C ARG A 426 -13.72 30.99 13.22
N SER A 427 -13.91 31.37 11.95
CA SER A 427 -14.59 32.61 11.63
C SER A 427 -15.82 32.37 10.76
N ILE A 428 -15.63 31.71 9.60
CA ILE A 428 -16.73 31.46 8.67
C ILE A 428 -17.81 30.63 9.37
N PRO A 429 -19.10 31.07 9.38
CA PRO A 429 -20.19 30.22 9.86
C PRO A 429 -20.63 29.16 8.86
N GLY A 430 -21.09 28.00 9.38
CA GLY A 430 -21.71 26.97 8.59
C GLY A 430 -20.73 25.92 8.03
N VAL A 431 -19.42 26.17 8.14
CA VAL A 431 -18.40 25.28 7.59
C VAL A 431 -17.52 24.74 8.72
N THR A 432 -16.82 23.63 8.44
CA THR A 432 -15.85 23.04 9.36
C THR A 432 -14.44 23.14 8.77
N GLU A 433 -13.44 23.04 9.65
CA GLU A 433 -12.05 23.10 9.23
C GLU A 433 -11.57 21.72 8.80
N LYS A 434 -11.95 21.33 7.56
CA LYS A 434 -11.54 20.08 6.95
C LYS A 434 -10.93 20.39 5.58
N TRP A 435 -9.87 19.69 5.20
CA TRP A 435 -9.43 19.72 3.82
C TRP A 435 -9.39 18.30 3.27
N ASP A 436 -9.58 18.19 1.95
CA ASP A 436 -9.23 16.99 1.21
C ASP A 436 -8.09 17.34 0.26
N LEU A 437 -7.19 16.37 0.03
CA LEU A 437 -6.09 16.53 -0.91
C LEU A 437 -6.39 15.68 -2.13
N TYR A 438 -6.51 16.33 -3.30
CA TYR A 438 -6.59 15.63 -4.57
C TYR A 438 -5.24 15.64 -5.25
N LEU A 439 -4.83 14.46 -5.73
CA LEU A 439 -3.53 14.31 -6.37
C LEU A 439 -3.73 13.45 -7.61
N ARG A 440 -3.58 14.09 -8.78
CA ARG A 440 -3.91 13.44 -10.05
C ARG A 440 -5.38 13.05 -10.07
N GLY A 441 -6.23 13.90 -9.47
CA GLY A 441 -7.68 13.74 -9.51
C GLY A 441 -8.16 12.60 -8.61
N ILE A 442 -7.37 12.28 -7.57
CA ILE A 442 -7.68 11.19 -6.66
C ILE A 442 -7.80 11.73 -5.24
N GLU A 443 -8.94 11.49 -4.60
CA GLU A 443 -9.13 11.84 -3.21
C GLU A 443 -8.25 10.93 -2.37
N LEU A 444 -7.19 11.53 -1.81
CA LEU A 444 -6.06 10.79 -1.26
C LEU A 444 -5.98 10.90 0.26
N ALA A 445 -6.39 12.05 0.81
CA ALA A 445 -6.04 12.41 2.17
C ALA A 445 -6.95 13.54 2.66
N THR A 446 -7.23 13.55 3.97
CA THR A 446 -8.01 14.60 4.61
C THR A 446 -7.26 15.02 5.86
N GLY A 447 -7.53 16.24 6.33
CA GLY A 447 -7.07 16.71 7.62
C GLY A 447 -8.14 17.58 8.27
N TYR A 448 -8.17 17.58 9.61
CA TYR A 448 -9.17 18.34 10.33
C TYR A 448 -8.49 19.16 11.42
N SER A 449 -9.02 20.35 11.69
CA SER A 449 -8.97 20.91 13.05
C SER A 449 -9.99 20.13 13.87
N GLU A 450 -9.53 19.37 14.85
CA GLU A 450 -10.35 18.36 15.51
C GLU A 450 -11.29 19.04 16.51
N LEU A 451 -12.56 18.60 16.47
CA LEU A 451 -13.58 19.00 17.41
C LEU A 451 -13.26 18.40 18.78
N SER A 452 -12.98 19.25 19.76
CA SER A 452 -12.69 18.77 21.11
C SER A 452 -13.83 19.12 22.08
N ASP A 453 -14.96 19.59 21.53
CA ASP A 453 -16.07 20.08 22.33
C ASP A 453 -17.09 18.96 22.50
N PRO A 454 -17.23 18.40 23.71
CA PRO A 454 -18.08 17.22 23.90
C PRO A 454 -19.58 17.40 23.75
N VAL A 455 -20.08 18.63 24.00
CA VAL A 455 -21.53 18.85 23.95
C VAL A 455 -21.93 19.09 22.49
N VAL A 456 -21.08 19.84 21.77
CA VAL A 456 -21.23 19.95 20.33
C VAL A 456 -21.17 18.55 19.72
N GLN A 457 -20.23 17.72 20.22
CA GLN A 457 -19.95 16.44 19.63
C GLN A 457 -21.10 15.49 19.90
N ARG A 458 -21.68 15.56 21.10
CA ARG A 458 -22.82 14.73 21.45
C ARG A 458 -23.99 15.05 20.52
N GLU A 459 -24.26 16.35 20.32
CA GLU A 459 -25.29 16.80 19.40
C GLU A 459 -25.04 16.19 18.02
N ARG A 460 -23.81 16.35 17.51
CA ARG A 460 -23.45 15.94 16.16
C ARG A 460 -23.82 14.49 15.92
N PHE A 461 -23.52 13.61 16.90
CA PHE A 461 -23.81 12.19 16.79
C PHE A 461 -25.31 11.97 16.87
N ALA A 462 -26.00 12.72 17.75
CA ALA A 462 -27.44 12.57 17.92
C ALA A 462 -28.15 12.87 16.61
N ASP A 463 -27.73 13.95 15.94
CA ASP A 463 -28.25 14.32 14.63
C ASP A 463 -28.04 13.18 13.62
N GLN A 464 -26.86 12.55 13.69
CA GLN A 464 -26.50 11.48 12.78
C GLN A 464 -27.32 10.22 13.09
N ALA A 465 -27.56 9.96 14.38
CA ALA A 465 -28.21 8.73 14.83
C ALA A 465 -29.70 8.76 14.48
N ARG A 466 -30.33 9.92 14.70
CA ARG A 466 -31.76 10.10 14.44
C ARG A 466 -32.03 9.99 12.93
N ALA A 467 -31.04 10.41 12.12
CA ALA A 467 -31.14 10.36 10.67
C ALA A 467 -31.37 8.93 10.19
N ALA A 468 -30.68 7.98 10.83
CA ALA A 468 -30.85 6.56 10.55
C ALA A 468 -31.60 5.91 11.72
N MET A 476 -31.33 4.43 19.94
CA MET A 476 -30.30 5.41 19.48
C MET A 476 -29.05 5.29 20.36
N VAL A 477 -28.06 4.50 19.89
CA VAL A 477 -26.89 4.17 20.69
C VAL A 477 -25.67 4.95 20.20
N LEU A 478 -25.20 5.88 21.04
CA LEU A 478 -24.01 6.68 20.77
C LEU A 478 -22.79 5.99 21.39
N ASP A 479 -21.60 6.47 21.04
CA ASP A 479 -20.35 5.97 21.60
C ASP A 479 -20.05 6.74 22.88
N GLU A 480 -20.66 6.29 23.98
CA GLU A 480 -20.67 7.04 25.23
C GLU A 480 -19.27 7.15 25.81
N ASP A 481 -18.43 6.12 25.62
CA ASP A 481 -17.08 6.13 26.17
C ASP A 481 -16.20 7.13 25.42
N PHE A 482 -16.35 7.21 24.09
CA PHE A 482 -15.64 8.22 23.33
C PHE A 482 -16.00 9.61 23.87
N LEU A 483 -17.30 9.87 24.01
CA LEU A 483 -17.79 11.17 24.48
C LEU A 483 -17.32 11.44 25.91
N ALA A 484 -17.25 10.38 26.72
CA ALA A 484 -16.75 10.50 28.09
C ALA A 484 -15.30 10.98 28.08
N ALA A 485 -14.51 10.43 27.15
CA ALA A 485 -13.09 10.76 27.01
C ALA A 485 -12.92 12.23 26.61
N LEU A 486 -13.75 12.69 25.67
CA LEU A 486 -13.70 14.07 25.21
C LEU A 486 -13.97 15.04 26.35
N GLU A 487 -14.78 14.62 27.34
CA GLU A 487 -15.19 15.51 28.41
C GLU A 487 -14.29 15.35 29.63
N TYR A 488 -13.13 14.69 29.47
CA TYR A 488 -12.02 14.85 30.40
C TYR A 488 -11.07 15.91 29.86
N GLY A 489 -11.29 16.34 28.61
CA GLY A 489 -10.55 17.45 28.03
C GLY A 489 -9.53 16.96 26.99
N MET A 490 -9.83 17.19 25.71
CA MET A 490 -8.87 16.94 24.64
C MET A 490 -8.30 18.29 24.19
N PRO A 491 -6.97 18.49 24.21
CA PRO A 491 -6.39 19.78 23.82
C PRO A 491 -6.57 19.97 22.32
N PRO A 492 -6.41 21.21 21.81
CA PRO A 492 -6.57 21.47 20.38
C PRO A 492 -5.60 20.60 19.58
N CYS A 493 -6.11 19.94 18.53
CA CYS A 493 -5.27 19.09 17.72
C CYS A 493 -5.83 19.01 16.30
N THR A 494 -4.98 18.54 15.37
CA THR A 494 -5.37 18.33 13.99
C THR A 494 -4.97 16.90 13.61
N GLY A 495 -5.95 16.15 13.09
CA GLY A 495 -5.69 14.79 12.62
C GLY A 495 -5.81 14.72 11.10
N THR A 496 -5.20 13.68 10.52
CA THR A 496 -5.26 13.45 9.09
C THR A 496 -5.55 11.97 8.86
N GLY A 497 -6.13 11.68 7.69
CA GLY A 497 -6.20 10.31 7.19
C GLY A 497 -5.56 10.26 5.80
N MET A 498 -4.86 9.17 5.49
CA MET A 498 -4.37 8.95 4.14
C MET A 498 -4.52 7.48 3.76
N GLY A 499 -4.91 7.24 2.50
CA GLY A 499 -5.07 5.92 1.95
C GLY A 499 -3.85 5.48 1.14
N ILE A 500 -3.30 4.32 1.49
CA ILE A 500 -1.96 3.91 1.05
C ILE A 500 -2.00 3.53 -0.43
N ASP A 501 -3.07 2.84 -0.84
CA ASP A 501 -3.17 2.35 -2.21
C ASP A 501 -3.45 3.51 -3.14
N ARG A 502 -4.41 4.37 -2.76
CA ARG A 502 -4.69 5.60 -3.47
C ARG A 502 -3.42 6.44 -3.59
N LEU A 503 -2.62 6.49 -2.52
CA LEU A 503 -1.34 7.18 -2.55
C LEU A 503 -0.46 6.64 -3.67
N LEU A 504 -0.26 5.31 -3.70
CA LEU A 504 0.60 4.66 -4.69
C LEU A 504 -0.01 4.82 -6.08
N MET A 505 -1.33 4.63 -6.15
CA MET A 505 -2.09 4.83 -7.36
C MET A 505 -1.82 6.23 -7.91
N SER A 506 -1.91 7.24 -7.04
CA SER A 506 -1.72 8.61 -7.47
C SER A 506 -0.27 8.85 -7.91
N LEU A 507 0.67 8.09 -7.36
CA LEU A 507 2.08 8.29 -7.64
C LEU A 507 2.55 7.55 -8.90
N THR A 508 1.83 6.48 -9.29
CA THR A 508 2.37 5.50 -10.22
C THR A 508 1.46 5.24 -11.43
N GLY A 509 0.14 5.37 -11.27
CA GLY A 509 -0.81 4.99 -12.31
C GLY A 509 -1.21 3.52 -12.21
N LEU A 510 -0.71 2.82 -11.18
CA LEU A 510 -0.96 1.41 -10.98
C LEU A 510 -2.33 1.24 -10.36
N SER A 511 -2.99 0.12 -10.66
CA SER A 511 -4.31 -0.18 -10.13
C SER A 511 -4.19 -0.66 -8.69
N ILE A 512 -5.31 -0.57 -7.96
CA ILE A 512 -5.42 -1.02 -6.58
C ILE A 512 -5.12 -2.52 -6.48
N ARG A 513 -5.34 -3.25 -7.58
CA ARG A 513 -5.15 -4.69 -7.60
C ARG A 513 -3.69 -5.04 -7.90
N GLU A 514 -2.85 -4.01 -8.07
CA GLU A 514 -1.41 -4.19 -8.23
C GLU A 514 -0.66 -3.68 -7.00
N THR A 515 -1.25 -2.76 -6.23
CA THR A 515 -0.55 -2.06 -5.16
C THR A 515 -0.42 -2.96 -3.95
N VAL A 516 -1.41 -3.83 -3.74
CA VAL A 516 -1.36 -4.77 -2.63
C VAL A 516 -0.95 -6.14 -3.15
N LEU A 517 -0.25 -6.91 -2.30
CA LEU A 517 0.27 -8.22 -2.66
C LEU A 517 -0.85 -9.22 -2.91
N PHE A 518 -1.72 -9.40 -1.92
CA PHE A 518 -2.73 -10.45 -1.96
C PHE A 518 -4.11 -9.85 -1.72
N PRO A 519 -4.73 -9.25 -2.77
CA PRO A 519 -6.14 -8.85 -2.67
C PRO A 519 -7.08 -10.00 -2.99
N ILE A 520 -8.37 -9.81 -2.71
CA ILE A 520 -9.44 -10.50 -3.42
C ILE A 520 -10.77 -9.76 -3.16
#